data_6LXN
#
_entry.id   6LXN
#
_cell.length_a   70.753
_cell.length_b   70.753
_cell.length_c   165.344
_cell.angle_alpha   90.000
_cell.angle_beta   90.000
_cell.angle_gamma   120.000
#
_symmetry.space_group_name_H-M   'P 63'
#
loop_
_entity.id
_entity.type
_entity.pdbx_description
1 polymer 'DNA (27-MER)'
2 polymer 'DNA (27-MER)'
3 polymer 'Transcriptional regulatory protein OmpR'
4 non-polymer 'SULFATE ION'
#
loop_
_entity_poly.entity_id
_entity_poly.type
_entity_poly.pdbx_seq_one_letter_code
_entity_poly.pdbx_strand_id
1 'polydeoxyribonucleotide'
;(DA)(DA)(DA)(DT)(DT)(DT)(DT)(DA)(DC)(DT)(DT)(DT)(DT)(DG)(DG)(DT)(DT)(DA)(DC)(DA)
(DT)(DA)(DT)(DT)(DT)(DT)(DG)
;
C
2 'polydeoxyribonucleotide'
;(DA)(DA)(DA)(DA)(DT)(DA)(DT)(DG)(DT)(DA)(DA)(DC)(DC)(DA)(DA)(DA)(DA)(DG)(DT)(DA)
(DA)(DA)(DA)(DT)(DT)(DT)(DC)
;
D
3 'polypeptide(L)'
;MAVIAFGKFKLNLGTREMFREDEPMPLTSGEFAVLKALVSHPREPLSRDKLMNLARGREYSAMERSIDVQISRLRRMVEE
DPAHPRYIQTVWGLGYVFVPDGSKALEHHHHHH
;
A,B
#
loop_
_chem_comp.id
_chem_comp.type
_chem_comp.name
_chem_comp.formula
DA DNA linking 2'-DEOXYADENOSINE-5'-MONOPHOSPHATE 'C10 H14 N5 O6 P'
DC DNA linking 2'-DEOXYCYTIDINE-5'-MONOPHOSPHATE 'C9 H14 N3 O7 P'
DG DNA linking 2'-DEOXYGUANOSINE-5'-MONOPHOSPHATE 'C10 H14 N5 O7 P'
DT DNA linking THYMIDINE-5'-MONOPHOSPHATE 'C10 H15 N2 O8 P'
SO4 non-polymer 'SULFATE ION' 'O4 S -2'
#
# COMPACT_ATOMS: atom_id res chain seq x y z
N ALA C 2 -6.87 -4.78 10.11
CA ALA C 2 -6.85 -6.15 9.59
C ALA C 2 -7.67 -6.24 8.31
N VAL C 3 -8.47 -7.30 8.19
CA VAL C 3 -9.17 -7.65 6.96
C VAL C 3 -10.60 -7.12 7.00
N ILE C 4 -11.06 -6.60 5.87
CA ILE C 4 -12.41 -6.08 5.73
C ILE C 4 -13.08 -6.75 4.54
N ALA C 5 -14.25 -7.30 4.77
CA ALA C 5 -15.04 -7.92 3.72
C ALA C 5 -16.19 -7.03 3.33
N PHE C 6 -16.70 -7.26 2.13
CA PHE C 6 -17.85 -6.56 1.57
C PHE C 6 -18.06 -7.15 0.19
N GLY C 7 -19.27 -7.63 -0.08
CA GLY C 7 -19.51 -8.37 -1.32
C GLY C 7 -18.56 -9.54 -1.46
N LYS C 8 -18.14 -9.78 -2.71
CA LYS C 8 -17.22 -10.87 -3.02
C LYS C 8 -15.78 -10.58 -2.61
N PHE C 9 -15.50 -9.42 -2.02
CA PHE C 9 -14.13 -8.96 -1.81
C PHE C 9 -13.74 -9.01 -0.34
N LYS C 10 -12.47 -9.30 -0.12
CA LYS C 10 -11.80 -9.11 1.15
C LYS C 10 -10.56 -8.28 0.89
N LEU C 11 -10.27 -7.34 1.79
CA LEU C 11 -9.21 -6.36 1.59
C LEU C 11 -8.41 -6.23 2.88
N ASN C 12 -7.09 -6.44 2.78
CA ASN C 12 -6.20 -6.44 3.93
C ASN C 12 -5.57 -5.06 4.07
N LEU C 13 -6.15 -4.23 4.94
CA LEU C 13 -5.59 -2.91 5.19
C LEU C 13 -4.12 -2.97 5.62
N GLY C 14 -3.70 -4.08 6.22
CA GLY C 14 -2.32 -4.17 6.69
C GLY C 14 -1.30 -4.28 5.57
N THR C 15 -1.61 -5.09 4.56
CA THR C 15 -0.65 -5.40 3.51
C THR C 15 -1.03 -4.86 2.13
N ARG C 16 -2.21 -4.27 1.98
CA ARG C 16 -2.77 -3.83 0.70
C ARG C 16 -3.06 -5.00 -0.24
N GLU C 17 -3.18 -6.21 0.29
CA GLU C 17 -3.65 -7.29 -0.56
C GLU C 17 -5.16 -7.23 -0.69
N MET C 18 -5.66 -7.69 -1.83
CA MET C 18 -7.10 -7.77 -2.03
C MET C 18 -7.44 -9.02 -2.83
N PHE C 19 -8.58 -9.62 -2.50
CA PHE C 19 -9.04 -10.87 -3.10
C PHE C 19 -10.53 -10.79 -3.38
N ARG C 20 -10.93 -11.26 -4.55
CA ARG C 20 -12.33 -11.44 -4.91
C ARG C 20 -12.65 -12.94 -4.93
N GLU C 21 -13.53 -13.37 -4.03
CA GLU C 21 -13.85 -14.80 -3.86
C GLU C 21 -12.59 -15.60 -3.56
N ASP C 22 -11.69 -14.99 -2.78
CA ASP C 22 -10.41 -15.59 -2.43
C ASP C 22 -9.56 -15.89 -3.66
N GLU C 23 -9.46 -14.91 -4.54
CA GLU C 23 -8.48 -14.90 -5.63
C GLU C 23 -7.78 -13.55 -5.59
N PRO C 24 -6.44 -13.52 -5.61
CA PRO C 24 -5.75 -12.23 -5.49
C PRO C 24 -6.07 -11.31 -6.66
N MET C 25 -6.27 -10.01 -6.35
CA MET C 25 -6.39 -8.96 -7.36
C MET C 25 -5.60 -7.72 -6.94
N PRO C 26 -4.61 -7.33 -7.73
CA PRO C 26 -3.75 -6.22 -7.32
C PRO C 26 -4.48 -4.89 -7.28
N LEU C 27 -4.04 -4.07 -6.35
CA LEU C 27 -4.43 -2.67 -6.27
C LEU C 27 -3.19 -1.82 -6.46
N THR C 28 -3.29 -0.80 -7.28
CA THR C 28 -2.22 0.17 -7.32
C THR C 28 -2.16 0.94 -6.01
N SER C 29 -1.06 1.66 -5.79
CA SER C 29 -0.91 2.38 -4.54
C SER C 29 -2.00 3.42 -4.38
N GLY C 30 -2.26 4.19 -5.43
CA GLY C 30 -3.33 5.15 -5.38
C GLY C 30 -4.69 4.53 -5.14
N GLU C 31 -4.91 3.32 -5.65
CA GLU C 31 -6.21 2.69 -5.45
C GLU C 31 -6.37 2.20 -4.02
N PHE C 32 -5.32 1.63 -3.44
CA PHE C 32 -5.41 1.24 -2.04
C PHE C 32 -5.69 2.44 -1.17
N ALA C 33 -4.96 3.53 -1.40
CA ALA C 33 -5.09 4.71 -0.58
C ALA C 33 -6.54 5.16 -0.46
N VAL C 34 -7.18 5.50 -1.57
CA VAL C 34 -8.52 6.06 -1.40
C VAL C 34 -9.50 4.95 -1.10
N LEU C 35 -9.22 3.72 -1.51
CA LEU C 35 -10.09 2.63 -1.09
C LEU C 35 -10.05 2.46 0.42
N LYS C 36 -8.84 2.44 1.01
CA LYS C 36 -8.74 2.27 2.46
C LYS C 36 -9.49 3.36 3.20
N ALA C 37 -9.22 4.64 2.90
CA ALA C 37 -9.87 5.76 3.58
C ALA C 37 -11.37 5.58 3.65
N LEU C 38 -11.98 5.25 2.51
CA LEU C 38 -13.41 4.96 2.48
C LEU C 38 -13.74 3.83 3.44
N VAL C 39 -12.98 2.74 3.39
CA VAL C 39 -13.32 1.56 4.19
C VAL C 39 -12.98 1.78 5.66
N SER C 40 -11.79 2.31 5.93
CA SER C 40 -11.44 2.67 7.30
C SER C 40 -12.57 3.41 8.01
N HIS C 41 -13.40 4.16 7.25
CA HIS C 41 -14.44 5.01 7.84
C HIS C 41 -15.83 4.53 7.44
N PRO C 42 -16.26 3.37 7.89
CA PRO C 42 -17.55 2.87 7.43
C PRO C 42 -18.64 3.91 7.67
N ARG C 43 -19.49 4.08 6.66
CA ARG C 43 -20.66 4.94 6.73
C ARG C 43 -20.35 6.43 6.85
N GLU C 44 -19.09 6.82 7.05
CA GLU C 44 -18.82 8.24 7.19
C GLU C 44 -18.67 8.86 5.80
N PRO C 45 -19.51 9.81 5.42
CA PRO C 45 -19.32 10.50 4.15
C PRO C 45 -18.03 11.30 4.21
N LEU C 46 -17.14 11.05 3.25
CA LEU C 46 -15.87 11.76 3.16
C LEU C 46 -15.92 12.81 2.04
N SER C 47 -15.62 14.06 2.38
CA SER C 47 -15.46 15.09 1.37
C SER C 47 -14.30 14.73 0.44
N ARG C 48 -14.26 15.42 -0.70
CA ARG C 48 -13.07 15.30 -1.56
C ARG C 48 -11.85 15.87 -0.85
N ASP C 49 -12.03 16.94 -0.09
CA ASP C 49 -10.96 17.46 0.77
C ASP C 49 -10.40 16.35 1.67
N LYS C 50 -11.22 15.80 2.56
CA LYS C 50 -10.69 14.86 3.52
C LYS C 50 -10.09 13.65 2.79
N LEU C 51 -10.71 13.24 1.68
CA LEU C 51 -10.19 12.10 0.93
C LEU C 51 -8.81 12.41 0.35
N MET C 52 -8.67 13.57 -0.29
CA MET C 52 -7.37 13.95 -0.80
C MET C 52 -6.35 14.06 0.32
N ASN C 53 -6.74 14.71 1.43
CA ASN C 53 -5.90 14.75 2.62
C ASN C 53 -5.51 13.34 3.05
N LEU C 54 -6.51 12.48 3.25
CA LEU C 54 -6.27 11.13 3.77
C LEU C 54 -5.34 10.32 2.87
N ALA C 55 -5.70 10.17 1.59
CA ALA C 55 -5.02 9.21 0.72
C ALA C 55 -3.67 9.71 0.23
N ARG C 56 -3.56 11.00 -0.12
CA ARG C 56 -2.35 11.47 -0.77
C ARG C 56 -1.60 12.55 -0.02
N GLY C 57 -2.13 13.03 1.11
CA GLY C 57 -1.40 14.05 1.86
C GLY C 57 -1.25 15.37 1.14
N ARG C 58 -2.22 15.73 0.31
CA ARG C 58 -2.24 16.97 -0.45
C ARG C 58 -3.56 17.69 -0.19
N GLU C 59 -3.66 18.90 -0.73
CA GLU C 59 -4.87 19.70 -0.61
C GLU C 59 -5.65 19.65 -1.93
N TYR C 60 -6.97 19.66 -1.82
CA TYR C 60 -7.85 19.51 -2.98
C TYR C 60 -8.46 20.85 -3.38
N SER C 61 -9.27 20.83 -4.44
CA SER C 61 -9.94 21.98 -5.03
C SER C 61 -11.06 21.51 -5.96
N ALA C 62 -12.06 22.38 -6.15
CA ALA C 62 -13.08 22.17 -7.16
C ALA C 62 -12.51 22.14 -8.57
N MET C 63 -11.26 22.57 -8.73
CA MET C 63 -10.57 22.40 -10.01
C MET C 63 -10.47 20.93 -10.37
N GLU C 64 -10.10 20.10 -9.40
CA GLU C 64 -9.58 18.76 -9.69
C GLU C 64 -10.68 17.71 -9.82
N ARG C 65 -10.38 16.66 -10.58
CA ARG C 65 -11.24 15.50 -10.66
C ARG C 65 -10.50 14.19 -10.37
N SER C 66 -9.30 14.26 -9.77
CA SER C 66 -8.51 13.07 -9.55
C SER C 66 -9.23 12.09 -8.64
N ILE C 67 -9.89 12.61 -7.59
CA ILE C 67 -10.70 11.76 -6.74
C ILE C 67 -11.77 11.05 -7.56
N ASP C 68 -12.67 11.83 -8.17
CA ASP C 68 -13.80 11.28 -8.91
C ASP C 68 -13.35 10.26 -9.94
N VAL C 69 -12.18 10.47 -10.55
CA VAL C 69 -11.68 9.50 -11.53
C VAL C 69 -11.19 8.25 -10.83
N GLN C 70 -10.39 8.45 -9.78
CA GLN C 70 -9.97 7.31 -8.97
C GLN C 70 -11.17 6.53 -8.47
N ILE C 71 -12.20 7.23 -7.98
CA ILE C 71 -13.42 6.56 -7.53
C ILE C 71 -14.03 5.76 -8.68
N SER C 72 -14.07 6.36 -9.88
CA SER C 72 -14.62 5.66 -11.03
C SER C 72 -13.88 4.36 -11.31
N ARG C 73 -12.54 4.43 -11.36
CA ARG C 73 -11.76 3.23 -11.59
C ARG C 73 -11.98 2.19 -10.52
N LEU C 74 -12.11 2.60 -9.27
CA LEU C 74 -12.38 1.62 -8.22
C LEU C 74 -13.73 0.96 -8.42
N ARG C 75 -14.77 1.73 -8.75
CA ARG C 75 -16.11 1.14 -8.84
C ARG C 75 -16.14 0.07 -9.92
N ARG C 76 -15.53 0.33 -11.08
CA ARG C 76 -15.50 -0.66 -12.15
C ARG C 76 -14.76 -1.92 -11.76
N MET C 77 -14.00 -1.91 -10.66
CA MET C 77 -13.27 -3.09 -10.25
C MET C 77 -13.67 -3.56 -8.85
N VAL C 78 -14.89 -3.26 -8.41
CA VAL C 78 -15.31 -3.58 -7.04
C VAL C 78 -16.82 -3.63 -6.99
N GLU C 79 -17.46 -2.82 -7.80
CA GLU C 79 -18.91 -2.88 -7.89
C GLU C 79 -19.34 -3.76 -9.06
N GLU C 80 -20.21 -4.74 -8.76
CA GLU C 80 -20.88 -5.54 -9.79
C GLU C 80 -21.37 -4.68 -10.94
N ASP C 81 -22.13 -3.63 -10.62
CA ASP C 81 -22.48 -2.61 -11.61
C ASP C 81 -21.88 -1.28 -11.17
N PRO C 82 -20.92 -0.73 -11.91
CA PRO C 82 -20.48 0.64 -11.63
C PRO C 82 -21.59 1.66 -11.81
N ALA C 83 -22.53 1.39 -12.71
CA ALA C 83 -23.60 2.34 -13.01
C ALA C 83 -24.42 2.66 -11.76
N HIS C 84 -24.72 1.65 -10.93
CA HIS C 84 -25.57 1.82 -9.75
C HIS C 84 -24.85 1.22 -8.57
N PRO C 85 -23.91 1.97 -8.00
CA PRO C 85 -22.97 1.38 -7.04
C PRO C 85 -23.63 1.09 -5.72
N ARG C 86 -23.16 0.01 -5.07
CA ARG C 86 -23.70 -0.51 -3.82
C ARG C 86 -22.82 -0.22 -2.61
N TYR C 87 -21.50 -0.23 -2.76
CA TYR C 87 -20.55 -0.05 -1.66
C TYR C 87 -19.88 1.30 -1.64
N ILE C 88 -19.41 1.78 -2.79
CA ILE C 88 -18.77 3.09 -2.88
C ILE C 88 -19.78 4.07 -3.42
N GLN C 89 -20.56 4.67 -2.53
CA GLN C 89 -21.68 5.49 -2.93
C GLN C 89 -21.31 6.96 -2.99
N THR C 90 -22.03 7.69 -3.84
CA THR C 90 -21.84 9.12 -4.01
C THR C 90 -22.81 9.87 -3.12
N VAL C 91 -22.31 10.73 -2.25
CA VAL C 91 -23.21 11.63 -1.54
C VAL C 91 -23.11 12.97 -2.22
N TRP C 92 -24.24 13.37 -2.81
CA TRP C 92 -24.25 14.48 -3.76
C TRP C 92 -23.82 15.78 -3.09
N GLY C 93 -22.90 16.48 -3.74
CA GLY C 93 -22.47 17.75 -3.19
C GLY C 93 -21.57 17.64 -1.99
N LEU C 94 -21.07 16.46 -1.67
CA LEU C 94 -20.17 16.31 -0.52
C LEU C 94 -19.03 15.36 -0.81
N GLY C 95 -19.32 14.25 -1.48
CA GLY C 95 -18.28 13.31 -1.80
C GLY C 95 -18.76 11.88 -1.86
N TYR C 96 -17.99 11.01 -1.23
CA TYR C 96 -18.18 9.58 -1.37
C TYR C 96 -18.18 8.92 0.00
N VAL C 97 -18.79 7.75 0.07
CA VAL C 97 -19.03 7.04 1.31
C VAL C 97 -18.92 5.56 1.05
N PHE C 98 -18.46 4.81 2.04
CA PHE C 98 -18.49 3.36 1.93
C PHE C 98 -19.57 2.82 2.85
N VAL C 99 -20.54 2.11 2.31
CA VAL C 99 -21.61 1.55 3.13
C VAL C 99 -21.51 0.04 3.14
N PRO C 100 -21.36 -0.58 4.30
CA PRO C 100 -21.43 -2.03 4.42
C PRO C 100 -22.83 -2.56 4.15
N ASP C 101 -22.90 -3.87 3.95
CA ASP C 101 -24.19 -4.51 3.69
C ASP C 101 -25.10 -4.42 4.90
N GLY C 102 -26.38 -4.21 4.64
CA GLY C 102 -27.32 -3.95 5.71
C GLY C 102 -26.93 -2.69 6.47
N SER C 103 -26.66 -1.61 5.72
CA SER C 103 -26.32 -0.33 6.32
C SER C 103 -26.80 0.81 5.43
N LYS C 104 -26.91 2.00 6.03
CA LYS C 104 -27.21 3.22 5.29
C LYS C 104 -26.19 4.28 5.69
N ALA C 105 -25.82 5.16 4.76
CA ALA C 105 -24.82 6.18 5.08
C ALA C 105 -25.26 7.03 6.26
N LEU C 106 -24.28 7.62 6.94
CA LEU C 106 -24.52 8.36 8.17
C LEU C 106 -25.08 9.74 7.84
N GLU C 107 -26.08 10.15 8.61
CA GLU C 107 -26.59 11.51 8.57
C GLU C 107 -26.11 12.23 9.84
N HIS C 108 -25.64 13.45 9.68
CA HIS C 108 -25.16 14.21 10.82
C HIS C 108 -26.31 14.95 11.51
N HIS C 109 -26.30 14.93 12.83
CA HIS C 109 -27.15 15.80 13.63
C HIS C 109 -26.33 17.02 14.03
N HIS C 110 -27.03 18.13 14.28
CA HIS C 110 -26.38 19.38 14.62
C HIS C 110 -27.22 20.07 15.68
N HIS C 111 -26.92 21.34 15.94
CA HIS C 111 -27.63 22.06 16.98
C HIS C 111 -28.56 23.17 16.44
N ALA D 2 19.62 -8.36 16.22
CA ALA D 2 18.56 -9.34 16.30
C ALA D 2 18.20 -9.84 14.92
N VAL D 3 17.30 -10.82 14.85
CA VAL D 3 16.79 -11.32 13.59
C VAL D 3 15.39 -10.78 13.39
N ILE D 4 15.12 -10.34 12.16
CA ILE D 4 13.77 -10.03 11.70
C ILE D 4 13.36 -11.16 10.77
N ALA D 5 12.13 -11.60 10.92
CA ALA D 5 11.63 -12.75 10.18
C ALA D 5 10.47 -12.33 9.29
N PHE D 6 10.58 -12.64 8.01
CA PHE D 6 9.47 -12.49 7.07
C PHE D 6 9.54 -13.64 6.10
N GLY D 7 8.37 -14.16 5.74
CA GLY D 7 8.27 -15.29 4.83
C GLY D 7 9.15 -16.43 5.31
N LYS D 8 9.71 -17.16 4.34
CA LYS D 8 10.60 -18.27 4.69
C LYS D 8 12.01 -17.76 4.94
N PHE D 9 12.15 -16.56 5.51
CA PHE D 9 13.43 -15.87 5.59
C PHE D 9 13.69 -15.33 6.98
N LYS D 10 14.93 -15.46 7.43
CA LYS D 10 15.44 -14.86 8.65
C LYS D 10 16.61 -13.98 8.23
N LEU D 11 16.51 -12.68 8.51
CA LEU D 11 17.64 -11.79 8.26
C LEU D 11 18.15 -11.32 9.61
N ASN D 12 19.37 -11.73 9.95
CA ASN D 12 19.98 -11.37 11.22
C ASN D 12 20.76 -10.07 11.04
N LEU D 13 20.25 -8.99 11.66
CA LEU D 13 20.79 -7.66 11.45
C LEU D 13 22.17 -7.47 12.04
N GLY D 14 22.57 -8.30 13.01
CA GLY D 14 23.86 -8.14 13.64
C GLY D 14 24.89 -9.07 13.03
N THR D 15 24.61 -10.37 13.11
CA THR D 15 25.38 -11.41 12.42
C THR D 15 25.59 -11.02 10.97
N ARG D 16 24.63 -10.32 10.39
CA ARG D 16 24.75 -9.73 9.05
C ARG D 16 24.81 -10.83 8.00
N GLU D 17 24.02 -11.88 8.20
CA GLU D 17 23.72 -12.76 7.09
C GLU D 17 22.25 -13.16 7.15
N MET D 18 21.85 -13.89 6.13
CA MET D 18 20.46 -14.23 5.92
C MET D 18 20.31 -15.73 5.63
N PHE D 19 19.17 -16.26 6.06
CA PHE D 19 18.81 -17.65 5.86
C PHE D 19 17.48 -17.69 5.08
N ARG D 20 17.43 -18.50 4.02
CA ARG D 20 16.16 -18.95 3.45
C ARG D 20 15.94 -20.38 3.92
N GLU D 21 14.78 -20.66 4.50
CA GLU D 21 14.46 -22.00 4.96
C GLU D 21 15.53 -22.52 5.92
N ASP D 22 16.09 -21.63 6.74
CA ASP D 22 17.24 -21.92 7.59
C ASP D 22 18.47 -22.41 6.81
N GLU D 23 18.54 -22.13 5.50
CA GLU D 23 19.70 -22.44 4.68
C GLU D 23 20.53 -21.17 4.49
N PRO D 24 21.85 -21.21 4.66
CA PRO D 24 22.68 -20.02 4.42
C PRO D 24 22.46 -19.41 3.04
N MET D 25 22.25 -18.09 3.04
CA MET D 25 21.94 -17.35 1.81
C MET D 25 22.86 -16.14 1.65
N PRO D 26 23.75 -16.14 0.64
CA PRO D 26 24.72 -15.06 0.53
C PRO D 26 24.04 -13.79 0.05
N LEU D 27 24.48 -12.67 0.62
CA LEU D 27 24.11 -11.32 0.19
C LEU D 27 25.37 -10.53 -0.02
N THR D 28 25.42 -9.74 -1.09
CA THR D 28 26.48 -8.75 -1.13
C THR D 28 26.18 -7.66 -0.10
N SER D 29 27.21 -6.87 0.21
CA SER D 29 27.02 -5.77 1.15
C SER D 29 25.99 -4.77 0.64
N GLY D 30 26.05 -4.45 -0.65
CA GLY D 30 25.12 -3.48 -1.20
C GLY D 30 23.69 -3.90 -1.02
N GLU D 31 23.37 -5.16 -1.35
CA GLU D 31 22.02 -5.67 -1.16
C GLU D 31 21.64 -5.70 0.31
N PHE D 32 22.55 -6.12 1.20
CA PHE D 32 22.25 -6.10 2.63
C PHE D 32 21.92 -4.70 3.10
N ALA D 33 22.78 -3.74 2.75
CA ALA D 33 22.56 -2.33 3.11
C ALA D 33 21.14 -1.89 2.76
N VAL D 34 20.72 -2.12 1.51
CA VAL D 34 19.36 -1.76 1.08
C VAL D 34 18.33 -2.46 1.95
N LEU D 35 18.58 -3.75 2.21
CA LEU D 35 17.61 -4.57 2.93
C LEU D 35 17.35 -4.02 4.32
N LYS D 36 18.42 -3.90 5.12
CA LYS D 36 18.25 -3.48 6.50
C LYS D 36 17.53 -2.14 6.59
N ALA D 37 17.76 -1.24 5.63
CA ALA D 37 17.06 0.03 5.64
C ALA D 37 15.56 -0.16 5.63
N LEU D 38 15.06 -0.96 4.68
CA LEU D 38 13.63 -1.22 4.65
C LEU D 38 13.23 -2.00 5.89
N VAL D 39 13.94 -3.09 6.18
CA VAL D 39 13.57 -4.02 7.24
C VAL D 39 13.55 -3.34 8.59
N SER D 40 14.47 -2.42 8.83
CA SER D 40 14.51 -1.77 10.13
C SER D 40 13.38 -0.75 10.30
N HIS D 41 12.64 -0.39 9.26
CA HIS D 41 11.53 0.56 9.40
C HIS D 41 10.23 -0.08 8.93
N PRO D 42 9.61 -0.90 9.76
CA PRO D 42 8.33 -1.51 9.38
C PRO D 42 7.31 -0.45 8.99
N ARG D 43 6.52 -0.77 7.96
CA ARG D 43 5.46 0.08 7.42
C ARG D 43 5.79 1.55 7.28
N GLU D 44 7.07 1.92 7.27
CA GLU D 44 7.39 3.33 7.11
C GLU D 44 7.94 3.51 5.72
N PRO D 45 7.15 3.97 4.75
CA PRO D 45 7.66 4.08 3.37
C PRO D 45 8.90 4.97 3.33
N LEU D 46 9.98 4.44 2.77
CA LEU D 46 11.25 5.14 2.68
C LEU D 46 11.34 5.81 1.32
N SER D 47 11.51 7.13 1.32
CA SER D 47 11.84 7.81 0.07
C SER D 47 13.18 7.32 -0.45
N ARG D 48 13.45 7.58 -1.72
CA ARG D 48 14.75 7.17 -2.25
C ARG D 48 15.86 7.97 -1.62
N ASP D 49 15.56 9.22 -1.25
CA ASP D 49 16.52 10.07 -0.58
C ASP D 49 17.01 9.40 0.69
N LYS D 50 16.08 9.14 1.60
CA LYS D 50 16.38 8.39 2.80
C LYS D 50 17.10 7.09 2.43
N LEU D 51 16.56 6.35 1.46
CA LEU D 51 17.07 5.03 1.15
C LEU D 51 18.56 5.04 0.86
N MET D 52 19.06 6.09 0.18
CA MET D 52 20.49 6.13 -0.09
C MET D 52 21.28 6.46 1.17
N ASN D 53 20.73 7.28 2.05
CA ASN D 53 21.37 7.59 3.33
C ASN D 53 21.70 6.31 4.07
N LEU D 54 20.65 5.63 4.56
CA LEU D 54 20.85 4.52 5.47
C LEU D 54 21.70 3.43 4.84
N ALA D 55 21.60 3.25 3.52
CA ALA D 55 22.27 2.13 2.87
C ALA D 55 23.58 2.52 2.19
N ARG D 56 23.64 3.62 1.45
CA ARG D 56 24.81 3.96 0.65
C ARG D 56 25.63 5.13 1.17
N GLY D 57 25.20 5.78 2.25
CA GLY D 57 25.95 6.92 2.75
C GLY D 57 26.12 8.04 1.76
N ARG D 58 25.29 8.10 0.72
CA ARG D 58 25.29 9.20 -0.21
C ARG D 58 23.89 9.77 -0.28
N GLU D 59 23.80 11.02 -0.76
CA GLU D 59 22.52 11.58 -1.16
C GLU D 59 22.22 11.18 -2.60
N TYR D 60 21.00 11.43 -3.04
CA TYR D 60 20.56 10.98 -4.37
C TYR D 60 20.13 12.17 -5.22
N SER D 61 20.52 12.12 -6.49
CA SER D 61 20.02 13.03 -7.51
C SER D 61 18.62 12.59 -7.96
N ALA D 62 17.98 13.40 -8.80
CA ALA D 62 16.57 13.19 -9.04
C ALA D 62 16.28 12.03 -10.00
N MET D 63 17.22 11.64 -10.87
CA MET D 63 16.87 10.69 -11.92
C MET D 63 17.79 9.47 -12.05
N GLU D 64 18.88 9.38 -11.27
CA GLU D 64 19.57 8.09 -11.25
C GLU D 64 18.73 7.07 -10.50
N ARG D 65 18.90 5.79 -10.86
CA ARG D 65 18.01 4.73 -10.44
C ARG D 65 18.78 3.52 -9.89
N SER D 66 19.88 3.80 -9.17
CA SER D 66 20.64 2.73 -8.54
C SER D 66 19.84 1.98 -7.48
N ILE D 67 18.94 2.69 -6.79
CA ILE D 67 18.07 2.05 -5.80
C ILE D 67 17.10 1.09 -6.48
N ASP D 68 16.36 1.59 -7.48
CA ASP D 68 15.36 0.75 -8.15
C ASP D 68 15.94 -0.57 -8.61
N VAL D 69 17.20 -0.57 -9.05
CA VAL D 69 17.76 -1.84 -9.54
C VAL D 69 18.14 -2.75 -8.38
N GLN D 70 18.57 -2.18 -7.25
CA GLN D 70 18.76 -3.00 -6.06
C GLN D 70 17.44 -3.64 -5.64
N ILE D 71 16.33 -2.89 -5.75
CA ILE D 71 15.04 -3.42 -5.35
C ILE D 71 14.61 -4.53 -6.29
N SER D 72 14.78 -4.31 -7.60
CA SER D 72 14.51 -5.35 -8.58
C SER D 72 15.27 -6.63 -8.24
N ARG D 73 16.58 -6.48 -7.99
CA ARG D 73 17.42 -7.64 -7.69
C ARG D 73 16.99 -8.29 -6.38
N LEU D 74 16.63 -7.48 -5.38
CA LEU D 74 16.23 -8.05 -4.10
C LEU D 74 14.93 -8.86 -4.22
N ARG D 75 13.87 -8.26 -4.79
CA ARG D 75 12.64 -9.04 -5.00
C ARG D 75 12.93 -10.36 -5.71
N ARG D 76 13.74 -10.31 -6.78
CA ARG D 76 14.14 -11.50 -7.53
C ARG D 76 14.62 -12.62 -6.65
N MET D 77 15.07 -12.31 -5.42
CA MET D 77 15.61 -13.33 -4.51
C MET D 77 14.88 -13.42 -3.18
N VAL D 78 13.71 -12.79 -3.03
CA VAL D 78 13.02 -12.82 -1.74
C VAL D 78 11.52 -12.94 -1.92
N GLU D 79 11.03 -12.65 -3.12
CA GLU D 79 9.59 -12.63 -3.34
C GLU D 79 9.12 -13.93 -3.96
N GLU D 80 8.11 -14.56 -3.32
CA GLU D 80 7.41 -15.65 -3.97
C GLU D 80 7.06 -15.29 -5.41
N ASP D 81 6.41 -14.15 -5.62
CA ASP D 81 6.21 -13.59 -6.95
C ASP D 81 6.78 -12.18 -7.00
N PRO D 82 7.96 -12.01 -7.58
CA PRO D 82 8.49 -10.65 -7.80
C PRO D 82 7.51 -9.74 -8.51
N ALA D 83 6.67 -10.32 -9.40
CA ALA D 83 5.74 -9.52 -10.18
C ALA D 83 4.69 -8.83 -9.33
N HIS D 84 4.30 -9.44 -8.21
CA HIS D 84 3.33 -8.86 -7.28
C HIS D 84 3.90 -9.06 -5.89
N PRO D 85 4.79 -8.16 -5.46
CA PRO D 85 5.56 -8.38 -4.22
C PRO D 85 4.79 -8.07 -2.95
N ARG D 86 5.05 -8.89 -1.94
CA ARG D 86 4.40 -8.79 -0.64
C ARG D 86 5.28 -8.18 0.44
N TYR D 87 6.56 -8.52 0.52
CA TYR D 87 7.35 -7.97 1.62
C TYR D 87 8.04 -6.66 1.24
N ILE D 88 8.56 -6.54 0.01
CA ILE D 88 9.18 -5.29 -0.41
C ILE D 88 8.30 -4.60 -1.44
N GLN D 89 7.43 -3.73 -0.97
CA GLN D 89 6.44 -3.16 -1.86
C GLN D 89 6.90 -1.80 -2.37
N THR D 90 6.25 -1.35 -3.44
CA THR D 90 6.53 -0.05 -4.01
C THR D 90 5.35 0.88 -3.75
N VAL D 91 5.67 2.11 -3.38
CA VAL D 91 4.70 3.14 -3.01
C VAL D 91 4.86 4.26 -4.02
N TRP D 92 3.85 4.45 -4.84
CA TRP D 92 4.03 5.20 -6.08
C TRP D 92 4.27 6.69 -5.80
N GLY D 93 5.44 7.19 -6.20
CA GLY D 93 5.79 8.57 -5.96
C GLY D 93 6.36 8.89 -4.60
N LEU D 94 6.65 7.87 -3.77
CA LEU D 94 7.28 8.07 -2.47
C LEU D 94 8.58 7.32 -2.38
N GLY D 95 8.55 6.01 -2.66
CA GLY D 95 9.69 5.13 -2.56
C GLY D 95 9.24 3.70 -2.37
N TYR D 96 9.86 2.99 -1.43
CA TYR D 96 9.58 1.60 -1.13
C TYR D 96 9.31 1.44 0.35
N VAL D 97 8.63 0.35 0.73
CA VAL D 97 8.36 0.07 2.13
C VAL D 97 8.38 -1.44 2.35
N PHE D 98 8.83 -1.84 3.54
CA PHE D 98 8.80 -3.22 4.00
C PHE D 98 7.56 -3.39 4.87
N VAL D 99 6.61 -4.21 4.43
CA VAL D 99 5.43 -4.51 5.25
C VAL D 99 5.66 -5.89 5.87
N PRO D 100 5.86 -5.95 7.20
CA PRO D 100 6.26 -7.22 7.84
C PRO D 100 5.18 -8.27 7.76
N ASP D 101 5.44 -9.44 8.31
CA ASP D 101 4.44 -10.51 8.28
C ASP D 101 3.39 -10.29 9.38
N GLY D 102 2.20 -10.81 9.12
CA GLY D 102 1.11 -10.73 10.09
C GLY D 102 -0.29 -10.74 9.52
S SO4 E . 1.08 1.66 3.94
O1 SO4 E . 1.87 1.61 2.70
O2 SO4 E . 1.72 2.58 4.87
O3 SO4 E . -0.28 2.13 3.67
O4 SO4 E . 1.03 0.32 4.53
#